data_4NUX
#
_entry.id   4NUX
#
_cell.length_a   76.256
_cell.length_b   136.130
_cell.length_c   55.433
_cell.angle_alpha   90.00
_cell.angle_beta   90.00
_cell.angle_gamma   90.00
#
_symmetry.space_group_name_H-M   'C 2 2 21'
#
loop_
_entity.id
_entity.type
_entity.pdbx_description
1 polymer 'Interleukin-17 receptor A'
2 water water
#
_entity_poly.entity_id   1
_entity_poly.type   'polypeptide(L)'
_entity_poly.pdbx_seq_one_letter_code
;KPRKVWIIYSADHPLYVDVVLKFAQFLLTACGTEVALDLLEEQAISEAGVMTWVGRQKQEMVESNSKIIVLCSRGTRAKW
QALLGRGAPVRLRCDHGKPVGDLFTAAMNMILPDFKRPACFGTYVVCYFSEVSCDGDVPDLFGAAPRYPLMDRFEEVYFR
IQDLEMFQPGRMHRVGELSGDNYLRSPGGRQLRAALDRFRDWQVRCPDWFECENLY
;
_entity_poly.pdbx_strand_id   A
#
# COMPACT_ATOMS: atom_id res chain seq x y z
N LYS A 1 -23.50 -0.22 -7.12
CA LYS A 1 -22.31 0.29 -6.41
C LYS A 1 -21.05 -0.48 -6.78
N PRO A 2 -20.01 0.23 -7.27
CA PRO A 2 -18.73 -0.41 -7.58
C PRO A 2 -17.99 -0.87 -6.32
N ARG A 3 -17.05 -1.79 -6.50
CA ARG A 3 -16.16 -2.18 -5.41
C ARG A 3 -15.29 -1.01 -4.95
N LYS A 4 -15.16 -0.85 -3.65
CA LYS A 4 -14.31 0.19 -3.07
C LYS A 4 -13.13 -0.47 -2.37
N VAL A 5 -12.03 0.25 -2.27
CA VAL A 5 -10.83 -0.33 -1.70
C VAL A 5 -10.01 0.77 -1.01
N TRP A 6 -9.32 0.43 0.08
CA TRP A 6 -8.41 1.35 0.75
C TRP A 6 -6.95 0.90 0.60
N ILE A 7 -6.12 1.75 0.01
CA ILE A 7 -4.72 1.41 -0.14
C ILE A 7 -3.87 2.01 0.99
N ILE A 8 -3.13 1.15 1.67
CA ILE A 8 -2.24 1.56 2.73
C ILE A 8 -0.83 1.33 2.21
N TYR A 9 0.05 2.31 2.39
CA TYR A 9 1.41 2.25 1.84
C TYR A 9 2.31 3.22 2.56
N SER A 10 3.63 3.05 2.37
CA SER A 10 4.62 3.97 2.86
C SER A 10 5.14 4.83 1.71
N ALA A 11 5.17 6.14 1.93
CA ALA A 11 5.58 7.10 0.91
C ALA A 11 7.12 7.20 0.84
N ASP A 12 7.78 6.17 0.31
CA ASP A 12 9.24 6.07 0.38
C ASP A 12 10.10 7.04 -0.46
N HIS A 13 9.51 7.63 -1.49
CA HIS A 13 10.21 8.44 -2.44
C HIS A 13 9.21 8.91 -3.46
N PRO A 14 9.37 10.08 -4.05
CA PRO A 14 8.35 10.61 -4.96
C PRO A 14 8.10 9.56 -6.06
N LEU A 15 9.14 8.85 -6.51
CA LEU A 15 8.98 7.86 -7.58
C LEU A 15 8.08 6.69 -7.19
N TYR A 16 8.19 6.25 -5.94
CA TYR A 16 7.34 5.17 -5.43
C TYR A 16 5.92 5.66 -5.14
N VAL A 17 5.80 6.88 -4.62
CA VAL A 17 4.49 7.50 -4.51
C VAL A 17 3.80 7.48 -5.88
N ASP A 18 4.54 7.80 -6.93
CA ASP A 18 3.91 7.79 -8.26
C ASP A 18 3.49 6.38 -8.70
N VAL A 19 4.32 5.38 -8.40
CA VAL A 19 3.92 3.98 -8.61
C VAL A 19 2.55 3.73 -7.95
N VAL A 20 2.42 4.19 -6.70
CA VAL A 20 1.22 3.99 -5.92
C VAL A 20 0.02 4.70 -6.55
N LEU A 21 0.22 5.94 -6.97
CA LEU A 21 -0.85 6.68 -7.62
C LEU A 21 -1.26 6.02 -8.94
N LYS A 22 -0.27 5.57 -9.71
CA LYS A 22 -0.57 4.89 -10.99
C LYS A 22 -1.33 3.59 -10.77
N PHE A 23 -0.99 2.86 -9.70
CA PHE A 23 -1.72 1.65 -9.37
C PHE A 23 -3.17 1.99 -9.03
N ALA A 24 -3.36 2.97 -8.15
CA ALA A 24 -4.70 3.42 -7.82
C ALA A 24 -5.51 3.75 -9.09
N GLN A 25 -4.86 4.39 -10.06
CA GLN A 25 -5.57 4.81 -11.25
C GLN A 25 -5.85 3.60 -12.15
N PHE A 26 -4.91 2.68 -12.20
CA PHE A 26 -5.14 1.41 -12.89
C PHE A 26 -6.38 0.70 -12.35
N LEU A 27 -6.47 0.60 -11.03
CA LEU A 27 -7.64 0.01 -10.37
C LEU A 27 -8.94 0.66 -10.83
N LEU A 28 -8.96 1.99 -10.87
CA LEU A 28 -10.14 2.72 -11.32
C LEU A 28 -10.42 2.57 -12.84
N THR A 29 -9.42 2.83 -13.68
CA THR A 29 -9.64 2.84 -15.13
C THR A 29 -9.69 1.42 -15.75
N ALA A 30 -8.97 0.47 -15.15
CA ALA A 30 -8.97 -0.89 -15.66
C ALA A 30 -10.02 -1.79 -14.98
N CYS A 31 -10.28 -1.56 -13.69
CA CYS A 31 -11.19 -2.43 -12.92
C CYS A 31 -12.44 -1.72 -12.37
N GLY A 32 -12.63 -0.46 -12.72
CA GLY A 32 -13.75 0.31 -12.20
C GLY A 32 -13.85 0.29 -10.68
N THR A 33 -12.72 0.09 -10.00
CA THR A 33 -12.66 0.12 -8.54
C THR A 33 -12.42 1.53 -8.00
N GLU A 34 -13.26 1.96 -7.06
CA GLU A 34 -13.03 3.21 -6.33
C GLU A 34 -11.96 3.00 -5.27
N VAL A 35 -11.04 3.95 -5.17
CA VAL A 35 -9.94 3.82 -4.23
C VAL A 35 -9.90 4.96 -3.23
N ALA A 36 -9.84 4.62 -1.95
CA ALA A 36 -9.52 5.60 -0.91
C ALA A 36 -8.00 5.64 -0.83
N LEU A 37 -7.44 6.80 -1.13
CA LEU A 37 -6.01 6.95 -1.14
C LEU A 37 -5.71 8.29 -0.51
N ASP A 38 -4.79 8.30 0.44
CA ASP A 38 -4.47 9.53 1.18
C ASP A 38 -3.99 10.69 0.29
N LEU A 39 -3.32 10.37 -0.82
CA LEU A 39 -2.89 11.41 -1.76
C LEU A 39 -4.10 12.23 -2.17
N LEU A 40 -5.22 11.54 -2.38
CA LEU A 40 -6.46 12.15 -2.87
C LEU A 40 -7.31 12.82 -1.80
N GLU A 41 -6.89 12.81 -0.54
CA GLU A 41 -7.71 13.41 0.52
C GLU A 41 -6.91 14.22 1.52
N GLU A 42 -5.94 14.99 1.03
CA GLU A 42 -5.06 15.75 1.89
C GLU A 42 -5.83 16.75 2.77
N GLN A 43 -6.90 17.33 2.22
CA GLN A 43 -7.71 18.29 2.96
C GLN A 43 -8.44 17.67 4.14
N ALA A 44 -9.12 16.57 3.87
CA ALA A 44 -9.82 15.83 4.93
C ALA A 44 -8.83 15.43 6.02
N ILE A 45 -7.70 14.87 5.62
CA ILE A 45 -6.65 14.53 6.57
C ILE A 45 -6.21 15.77 7.34
N SER A 46 -6.13 16.91 6.66
CA SER A 46 -5.75 18.17 7.30
C SER A 46 -6.69 18.55 8.45
N GLU A 47 -7.99 18.62 8.15
CA GLU A 47 -8.95 19.13 9.12
C GLU A 47 -9.24 18.14 10.23
N ALA A 48 -9.76 16.96 9.87
CA ALA A 48 -9.84 15.87 10.83
C ALA A 48 -8.43 15.41 11.17
N GLY A 49 -8.28 14.67 12.27
CA GLY A 49 -6.95 14.15 12.58
C GLY A 49 -6.43 13.17 11.53
N VAL A 50 -5.15 12.84 11.60
CA VAL A 50 -4.61 11.71 10.86
C VAL A 50 -5.15 10.41 11.46
N MET A 51 -5.26 10.37 12.78
CA MET A 51 -5.84 9.21 13.41
C MET A 51 -7.32 9.12 13.08
N THR A 52 -8.01 10.25 13.12
CA THR A 52 -9.42 10.28 12.76
C THR A 52 -9.65 9.79 11.33
N TRP A 53 -8.80 10.21 10.40
CA TRP A 53 -8.98 9.81 9.02
C TRP A 53 -8.75 8.32 8.84
N VAL A 54 -7.60 7.82 9.29
CA VAL A 54 -7.29 6.40 9.22
C VAL A 54 -8.39 5.55 9.85
N GLY A 55 -8.83 5.94 11.04
CA GLY A 55 -9.91 5.22 11.69
C GLY A 55 -11.19 5.23 10.88
N ARG A 56 -11.45 6.34 10.19
CA ARG A 56 -12.63 6.47 9.35
C ARG A 56 -12.55 5.57 8.11
N GLN A 57 -11.36 5.48 7.51
CA GLN A 57 -11.18 4.62 6.34
C GLN A 57 -11.41 3.15 6.69
N LYS A 58 -10.76 2.67 7.74
CA LYS A 58 -10.89 1.28 8.15
C LYS A 58 -12.36 0.94 8.41
N GLN A 59 -13.02 1.81 9.18
CA GLN A 59 -14.43 1.64 9.51
C GLN A 59 -15.29 1.47 8.26
N GLU A 60 -15.05 2.30 7.25
CA GLU A 60 -15.87 2.27 6.04
C GLU A 60 -15.66 0.99 5.26
N MET A 61 -14.42 0.50 5.25
CA MET A 61 -14.11 -0.74 4.55
C MET A 61 -14.76 -1.92 5.26
N VAL A 62 -14.46 -2.09 6.55
CA VAL A 62 -14.96 -3.26 7.26
C VAL A 62 -16.48 -3.36 7.20
N GLU A 63 -17.17 -2.24 7.35
CA GLU A 63 -18.63 -2.28 7.43
C GLU A 63 -19.29 -2.46 6.06
N SER A 64 -18.56 -2.10 5.00
CA SER A 64 -19.04 -2.32 3.63
C SER A 64 -18.49 -3.61 3.02
N ASN A 65 -17.80 -4.41 3.83
CA ASN A 65 -17.17 -5.65 3.37
C ASN A 65 -16.15 -5.41 2.26
N SER A 66 -15.52 -4.23 2.27
CA SER A 66 -14.52 -3.89 1.27
C SER A 66 -13.11 -4.21 1.73
N LYS A 67 -12.18 -4.32 0.78
CA LYS A 67 -10.83 -4.77 1.07
C LYS A 67 -9.88 -3.63 1.44
N ILE A 68 -8.88 -3.96 2.23
CA ILE A 68 -7.82 -3.02 2.53
C ILE A 68 -6.53 -3.58 1.95
N ILE A 69 -6.00 -2.90 0.96
CA ILE A 69 -4.78 -3.34 0.32
C ILE A 69 -3.60 -2.78 1.08
N VAL A 70 -2.75 -3.66 1.61
CA VAL A 70 -1.52 -3.21 2.25
C VAL A 70 -0.35 -3.31 1.26
N LEU A 71 0.10 -2.15 0.76
CA LEU A 71 1.25 -2.12 -0.12
C LEU A 71 2.54 -2.07 0.69
N CYS A 72 3.34 -3.12 0.57
CA CYS A 72 4.58 -3.24 1.34
C CYS A 72 5.83 -2.87 0.52
N SER A 73 6.79 -2.26 1.21
CA SER A 73 8.00 -1.76 0.58
C SER A 73 9.10 -1.50 1.61
N ARG A 74 10.22 -0.98 1.12
CA ARG A 74 11.37 -0.70 1.96
C ARG A 74 10.93 0.08 3.20
N GLY A 75 10.07 1.07 3.01
CA GLY A 75 9.56 1.88 4.10
C GLY A 75 8.61 1.15 5.07
N THR A 76 7.78 0.23 4.59
CA THR A 76 6.92 -0.49 5.53
C THR A 76 7.77 -1.38 6.47
N ARG A 77 8.79 -2.03 5.92
CA ARG A 77 9.73 -2.77 6.75
C ARG A 77 10.37 -1.89 7.83
N ALA A 78 10.91 -0.74 7.45
CA ALA A 78 11.61 0.12 8.42
C ALA A 78 10.63 0.71 9.42
N LYS A 79 9.45 1.11 8.98
CA LYS A 79 8.47 1.67 9.91
C LYS A 79 7.94 0.64 10.93
N TRP A 80 7.86 -0.62 10.51
CA TRP A 80 7.40 -1.69 11.37
C TRP A 80 8.48 -1.95 12.42
N GLN A 81 9.73 -2.04 11.98
CA GLN A 81 10.86 -2.24 12.89
C GLN A 81 10.92 -1.13 13.92
N ALA A 82 10.52 0.06 13.52
CA ALA A 82 10.56 1.21 14.42
C ALA A 82 9.43 1.07 15.44
N LEU A 83 8.28 0.63 14.95
CA LEU A 83 7.13 0.41 15.81
C LEU A 83 7.49 -0.62 16.91
N LEU A 84 8.27 -1.63 16.52
CA LEU A 84 8.76 -2.69 17.40
C LEU A 84 9.95 -2.24 18.27
N GLY A 85 10.33 -0.97 18.15
CA GLY A 85 11.49 -0.47 18.85
C GLY A 85 12.77 -1.22 18.54
N ARG A 86 12.84 -1.86 17.39
CA ARG A 86 14.05 -2.58 16.99
C ARG A 86 14.76 -1.93 15.81
N GLY A 87 14.34 -0.72 15.49
CA GLY A 87 14.96 0.06 14.45
C GLY A 87 14.68 1.51 14.77
N ALA A 88 15.57 2.41 14.36
CA ALA A 88 15.39 3.82 14.64
C ALA A 88 14.08 4.34 14.01
N PRO A 89 13.48 5.35 14.66
CA PRO A 89 12.31 5.98 14.04
C PRO A 89 12.68 6.51 12.65
N VAL A 90 11.67 6.59 11.80
CA VAL A 90 11.86 7.03 10.44
C VAL A 90 11.17 8.38 10.27
N ARG A 91 11.83 9.28 9.56
CA ARG A 91 11.25 10.58 9.28
C ARG A 91 11.44 10.84 7.78
N LEU A 92 10.53 10.31 6.98
CA LEU A 92 10.64 10.39 5.52
C LEU A 92 10.22 11.74 4.94
N ARG A 93 11.01 12.23 4.00
CA ARG A 93 10.68 13.48 3.33
C ARG A 93 9.22 13.53 2.85
N CYS A 94 8.69 12.42 2.31
CA CYS A 94 7.33 12.43 1.77
C CYS A 94 6.25 12.35 2.87
N ASP A 95 6.66 12.07 4.10
CA ASP A 95 5.79 12.16 5.25
C ASP A 95 5.99 13.52 5.91
N ASP A 102 3.16 10.71 8.64
CA ASP A 102 3.23 9.27 8.54
C ASP A 102 1.94 8.48 8.75
N LEU A 103 1.27 8.21 7.66
CA LEU A 103 0.03 7.53 7.64
C LEU A 103 0.19 6.04 7.62
N PHE A 104 1.34 5.53 7.27
CA PHE A 104 1.49 4.13 7.30
C PHE A 104 1.57 3.63 8.71
N THR A 105 2.36 4.32 9.51
CA THR A 105 2.45 4.00 10.92
C THR A 105 1.09 4.17 11.62
N ALA A 106 0.38 5.24 11.28
CA ALA A 106 -0.95 5.47 11.84
C ALA A 106 -1.90 4.32 11.47
N ALA A 107 -1.81 3.87 10.22
CA ALA A 107 -2.69 2.83 9.72
C ALA A 107 -2.34 1.49 10.36
N MET A 108 -1.04 1.27 10.60
CA MET A 108 -0.59 0.05 11.28
C MET A 108 -1.10 -0.03 12.72
N ASN A 109 -1.03 1.08 13.43
CA ASN A 109 -1.66 1.17 14.75
C ASN A 109 -3.14 0.78 14.64
N MET A 110 -3.83 1.35 13.67
CA MET A 110 -5.27 1.15 13.55
C MET A 110 -5.64 -0.30 13.28
N ILE A 111 -4.95 -0.95 12.34
CA ILE A 111 -5.36 -2.30 11.91
C ILE A 111 -4.79 -3.41 12.79
N LEU A 112 -3.74 -3.08 13.54
CA LEU A 112 -3.02 -4.02 14.38
C LEU A 112 -3.87 -5.08 15.12
N PRO A 113 -4.82 -4.65 15.96
CA PRO A 113 -5.58 -5.64 16.73
C PRO A 113 -6.29 -6.70 15.87
N ASP A 114 -6.50 -6.39 14.59
CA ASP A 114 -7.29 -7.27 13.71
C ASP A 114 -6.57 -8.58 13.42
N PHE A 115 -5.27 -8.62 13.68
CA PHE A 115 -4.48 -9.78 13.31
C PHE A 115 -4.37 -10.85 14.39
N LYS A 116 -5.13 -10.63 15.45
CA LYS A 116 -5.40 -11.70 16.41
C LYS A 116 -6.84 -12.17 16.23
N ARG A 117 -7.49 -11.62 15.20
CA ARG A 117 -8.87 -11.98 14.83
C ARG A 117 -8.92 -12.66 13.46
N PRO A 118 -8.85 -14.00 13.44
CA PRO A 118 -8.95 -14.75 12.19
C PRO A 118 -10.10 -14.28 11.29
N ALA A 119 -11.24 -13.95 11.88
CA ALA A 119 -12.39 -13.44 11.13
C ALA A 119 -12.05 -12.20 10.27
N CYS A 120 -11.00 -11.47 10.68
CA CYS A 120 -10.63 -10.20 10.03
C CYS A 120 -9.59 -10.29 8.90
N PHE A 121 -8.96 -11.45 8.73
CA PHE A 121 -7.86 -11.58 7.76
C PHE A 121 -8.28 -11.35 6.31
N GLY A 122 -9.51 -11.73 5.98
CA GLY A 122 -10.00 -11.62 4.61
C GLY A 122 -10.21 -10.19 4.15
N THR A 123 -10.14 -9.26 5.08
CA THR A 123 -10.24 -7.85 4.77
C THR A 123 -8.96 -7.37 4.11
N TYR A 124 -7.84 -7.94 4.53
CA TYR A 124 -6.53 -7.43 4.14
C TYR A 124 -5.93 -8.18 2.97
N VAL A 125 -5.40 -7.41 2.02
CA VAL A 125 -4.73 -7.96 0.84
C VAL A 125 -3.28 -7.47 0.81
N VAL A 126 -2.40 -8.38 1.20
CA VAL A 126 -1.01 -8.01 1.46
C VAL A 126 -0.15 -8.19 0.21
N CYS A 127 0.31 -7.06 -0.33
CA CYS A 127 1.06 -7.02 -1.57
C CYS A 127 2.38 -6.25 -1.46
N TYR A 128 3.19 -6.41 -2.50
CA TYR A 128 4.38 -5.61 -2.73
C TYR A 128 4.77 -5.77 -4.22
N PHE A 129 5.24 -4.71 -4.86
CA PHE A 129 5.65 -4.79 -6.26
C PHE A 129 7.02 -5.42 -6.39
N SER A 130 7.08 -6.61 -6.97
CA SER A 130 8.32 -7.38 -7.00
C SER A 130 9.45 -6.67 -7.74
N GLU A 131 9.11 -5.79 -8.68
CA GLU A 131 10.12 -5.07 -9.45
C GLU A 131 10.96 -4.11 -8.58
N VAL A 132 10.33 -3.49 -7.59
CA VAL A 132 10.97 -2.45 -6.79
C VAL A 132 11.03 -2.79 -5.29
N SER A 133 10.44 -3.93 -4.91
CA SER A 133 10.29 -4.32 -3.50
C SER A 133 10.40 -5.84 -3.33
N CYS A 134 10.41 -6.30 -2.08
CA CYS A 134 10.63 -7.73 -1.85
C CYS A 134 9.82 -8.29 -0.69
N ASP A 135 9.77 -9.62 -0.63
CA ASP A 135 8.95 -10.30 0.36
C ASP A 135 9.39 -9.88 1.76
N GLY A 136 10.68 -9.71 1.92
CA GLY A 136 11.22 -9.29 3.18
C GLY A 136 10.71 -7.93 3.61
N ASP A 137 10.00 -7.22 2.74
CA ASP A 137 9.45 -5.90 3.09
C ASP A 137 8.13 -5.97 3.83
N VAL A 138 7.49 -7.13 3.77
CA VAL A 138 6.22 -7.35 4.47
C VAL A 138 6.43 -7.52 5.99
N PRO A 139 5.78 -6.66 6.80
CA PRO A 139 5.88 -6.80 8.26
C PRO A 139 5.31 -8.16 8.69
N ASP A 140 5.98 -8.80 9.64
CA ASP A 140 5.52 -10.08 10.18
C ASP A 140 4.21 -9.95 10.98
N LEU A 141 3.73 -8.73 11.15
CA LEU A 141 2.39 -8.50 11.68
C LEU A 141 1.39 -9.30 10.87
N PHE A 142 1.66 -9.47 9.58
CA PHE A 142 0.73 -10.14 8.69
C PHE A 142 0.95 -11.64 8.69
N GLY A 143 2.13 -12.05 9.12
CA GLY A 143 2.44 -13.43 9.41
C GLY A 143 1.83 -14.37 8.38
N ALA A 144 0.87 -15.19 8.80
CA ALA A 144 0.30 -16.21 7.92
C ALA A 144 -0.70 -15.79 6.84
N ALA A 145 -0.75 -14.50 6.55
CA ALA A 145 -1.69 -13.99 5.56
C ALA A 145 -0.91 -14.15 4.27
N PRO A 146 -1.61 -14.50 3.20
CA PRO A 146 -1.01 -14.58 1.88
C PRO A 146 -0.47 -13.24 1.36
N ARG A 147 0.60 -13.34 0.61
CA ARG A 147 1.35 -12.21 0.14
C ARG A 147 1.22 -12.26 -1.34
N TYR A 148 1.00 -11.14 -1.99
CA TYR A 148 0.89 -11.15 -3.41
C TYR A 148 1.97 -10.32 -4.07
N PRO A 149 2.92 -10.96 -4.70
CA PRO A 149 3.89 -10.23 -5.53
C PRO A 149 3.12 -9.64 -6.71
N LEU A 150 3.12 -8.32 -6.85
CA LEU A 150 2.50 -7.61 -7.96
C LEU A 150 3.56 -7.20 -9.00
N MET A 151 3.26 -7.32 -10.29
CA MET A 151 1.95 -7.70 -10.78
C MET A 151 1.78 -9.19 -11.14
N ASP A 152 2.84 -10.00 -11.01
CA ASP A 152 2.72 -11.45 -11.23
C ASP A 152 1.42 -12.04 -10.71
N ARG A 153 1.00 -11.63 -9.52
CA ARG A 153 -0.17 -12.25 -8.91
C ARG A 153 -1.34 -11.28 -8.76
N PHE A 154 -1.40 -10.26 -9.61
CA PHE A 154 -2.51 -9.32 -9.49
C PHE A 154 -3.87 -9.97 -9.74
N GLU A 155 -3.87 -11.02 -10.55
CA GLU A 155 -5.08 -11.80 -10.80
C GLU A 155 -5.76 -12.19 -9.49
N GLU A 156 -4.97 -12.70 -8.55
CA GLU A 156 -5.50 -13.17 -7.27
C GLU A 156 -6.03 -12.01 -6.43
N VAL A 157 -5.34 -10.89 -6.46
CA VAL A 157 -5.77 -9.70 -5.77
C VAL A 157 -7.10 -9.25 -6.34
N TYR A 158 -7.19 -9.28 -7.65
CA TYR A 158 -8.44 -8.95 -8.33
C TYR A 158 -9.59 -9.79 -7.82
N PHE A 159 -9.38 -11.10 -7.72
CA PHE A 159 -10.42 -12.00 -7.24
C PHE A 159 -10.90 -11.53 -5.86
N ARG A 160 -9.97 -11.14 -4.99
CA ARG A 160 -10.34 -10.78 -3.64
C ARG A 160 -11.11 -9.47 -3.58
N ILE A 161 -10.65 -8.47 -4.32
CA ILE A 161 -11.38 -7.21 -4.49
C ILE A 161 -12.79 -7.43 -5.03
N GLN A 162 -12.94 -8.46 -5.86
CA GLN A 162 -14.19 -8.70 -6.55
C GLN A 162 -15.07 -9.74 -5.89
N ASP A 163 -14.53 -10.39 -4.86
CA ASP A 163 -15.26 -11.43 -4.14
C ASP A 163 -15.63 -12.55 -5.11
N LEU A 164 -14.63 -13.31 -5.52
CA LEU A 164 -14.84 -14.37 -6.51
C LEU A 164 -14.32 -15.73 -6.06
N GLU A 165 -15.24 -16.68 -5.88
CA GLU A 165 -14.89 -18.09 -5.70
C GLU A 165 -14.72 -18.46 -4.23
N ASP A 181 2.47 -10.61 -17.85
CA ASP A 181 2.37 -9.18 -18.10
C ASP A 181 1.15 -8.82 -18.96
N ASN A 182 -0.01 -9.36 -18.58
CA ASN A 182 -1.25 -9.17 -19.35
C ASN A 182 -1.93 -7.83 -19.07
N TYR A 183 -1.61 -7.23 -17.94
CA TYR A 183 -2.22 -5.98 -17.54
C TYR A 183 -1.78 -4.83 -18.45
N LEU A 184 -0.72 -5.06 -19.21
CA LEU A 184 -0.12 -4.02 -20.02
C LEU A 184 -1.06 -3.55 -21.11
N ARG A 185 -2.04 -4.39 -21.46
CA ARG A 185 -3.01 -4.04 -22.50
C ARG A 185 -4.30 -3.45 -21.94
N SER A 186 -4.43 -3.45 -20.61
CA SER A 186 -5.55 -2.78 -19.95
C SER A 186 -5.26 -1.29 -19.73
N PRO A 187 -6.31 -0.45 -19.77
CA PRO A 187 -6.14 1.00 -19.58
C PRO A 187 -5.41 1.31 -18.29
N GLY A 188 -4.32 2.09 -18.37
CA GLY A 188 -3.55 2.45 -17.20
C GLY A 188 -2.43 1.48 -16.85
N GLY A 189 -2.38 0.34 -17.53
CA GLY A 189 -1.36 -0.66 -17.25
C GLY A 189 0.03 -0.22 -17.63
N ARG A 190 0.18 0.30 -18.84
CA ARG A 190 1.47 0.80 -19.34
C ARG A 190 2.01 1.98 -18.49
N GLN A 191 1.11 2.84 -18.02
CA GLN A 191 1.50 3.93 -17.14
C GLN A 191 2.06 3.39 -15.82
N LEU A 192 1.39 2.41 -15.23
CA LEU A 192 1.85 1.81 -13.98
C LEU A 192 3.21 1.16 -14.21
N ARG A 193 3.33 0.48 -15.35
CA ARG A 193 4.57 -0.22 -15.67
C ARG A 193 5.71 0.78 -15.93
N ALA A 194 5.39 1.91 -16.57
CA ALA A 194 6.41 2.93 -16.78
C ALA A 194 6.89 3.46 -15.43
N ALA A 195 5.94 3.72 -14.52
CA ALA A 195 6.25 4.14 -13.15
C ALA A 195 7.13 3.13 -12.40
N LEU A 196 6.78 1.84 -12.51
CA LEU A 196 7.60 0.78 -11.91
C LEU A 196 9.02 0.78 -12.50
N ASP A 197 9.12 0.73 -13.81
CA ASP A 197 10.42 0.74 -14.48
C ASP A 197 11.25 1.94 -14.04
N ARG A 198 10.61 3.10 -13.95
CA ARG A 198 11.33 4.33 -13.64
C ARG A 198 11.92 4.33 -12.23
N PHE A 199 11.16 3.83 -11.25
CA PHE A 199 11.63 3.71 -9.87
C PHE A 199 12.73 2.67 -9.78
N ARG A 200 12.50 1.53 -10.43
CA ARG A 200 13.51 0.49 -10.48
C ARG A 200 14.87 1.00 -10.98
N ASP A 201 14.88 1.65 -12.14
CA ASP A 201 16.12 2.19 -12.69
C ASP A 201 16.80 3.13 -11.67
N TRP A 202 16.00 3.88 -10.93
CA TRP A 202 16.56 4.82 -9.97
C TRP A 202 17.26 4.12 -8.79
N GLN A 203 16.62 3.11 -8.22
CA GLN A 203 17.23 2.30 -7.17
C GLN A 203 18.57 1.73 -7.62
N VAL A 204 18.69 1.48 -8.92
CA VAL A 204 19.95 1.04 -9.48
C VAL A 204 20.92 2.22 -9.58
N ARG A 205 20.46 3.34 -10.13
CA ARG A 205 21.28 4.55 -10.23
C ARG A 205 21.70 5.06 -8.86
N CYS A 206 20.77 5.02 -7.90
CA CYS A 206 21.05 5.50 -6.55
C CYS A 206 20.63 4.51 -5.49
N PRO A 207 21.51 3.53 -5.20
CA PRO A 207 21.28 2.44 -4.23
C PRO A 207 21.01 2.89 -2.78
N ASP A 208 21.34 4.13 -2.44
CA ASP A 208 21.08 4.64 -1.10
C ASP A 208 19.88 5.59 -1.09
N TRP A 209 19.07 5.50 -2.14
CA TRP A 209 17.88 6.33 -2.25
C TRP A 209 17.08 6.37 -0.93
N PHE A 210 16.88 5.22 -0.28
CA PHE A 210 16.03 5.22 0.92
C PHE A 210 16.63 6.04 2.06
N GLU A 211 17.89 5.76 2.37
CA GLU A 211 18.63 6.48 3.40
C GLU A 211 18.68 8.00 3.15
N CYS A 212 18.59 8.41 1.89
CA CYS A 212 18.58 9.84 1.58
C CYS A 212 17.23 10.46 1.88
N GLU A 213 16.18 9.63 1.82
CA GLU A 213 14.82 10.05 2.14
C GLU A 213 14.57 10.20 3.63
N ASN A 214 15.45 9.61 4.43
CA ASN A 214 15.29 9.57 5.87
C ASN A 214 15.91 10.78 6.56
N LEU A 215 15.08 11.69 7.05
CA LEU A 215 15.54 12.89 7.77
C LEU A 215 15.82 12.60 9.25
N TYR A 216 16.64 13.45 9.87
CA TYR A 216 17.14 13.20 11.22
C TYR A 216 17.24 11.72 11.56
#